data_1N8Y
#
_entry.id   1N8Y
#
_cell.length_a   130.87
_cell.length_b   116.40
_cell.length_c   55.37
_cell.angle_alpha   90.00
_cell.angle_beta   90.00
_cell.angle_gamma   90.00
#
_symmetry.space_group_name_H-M   'P 21 21 2'
#
loop_
_entity.id
_entity.type
_entity.pdbx_description
1 polymer protooncoprotein
2 branched 2-acetamido-2-deoxy-beta-D-glucopyranose-(1-4)-2-acetamido-2-deoxy-beta-D-glucopyranose
3 non-polymer 2-acetamido-2-deoxy-beta-D-glucopyranose
4 water water
#
_entity_poly.entity_id   1
_entity_poly.type   'polypeptide(L)'
_entity_poly.pdbx_seq_one_letter_code
;TQVCTGTDMKLRLPASPETHLDMLRHLYQGCQVVQGNLELTYVPANASLSFLQDIQEVQGYMLIAHNQVKRVPLQRLRIV
RGTQLFEDKYALAVLDNRDPQDNVAASTPGRTPEGLRELQLRSLTEILKGGVLIRGNPQLCYQDMVLWKDVFRKNNQLAP
VDIDTNRSRACPPCAPACKDNHCWGESPEDCQILTGTICTSGCARCKGRLPTDCCHEQCAAGCTGPKHSDCLACLHFNHS
GICELHCPALVTYNTDTFESMHNPEGRYTFGASCVTTCPYNYLSTEVGSCTLVCPPNNQEVTAEDGTQRCEKCSKPCARV
CYGLGMEHLRGARAITSDNVQEFDGCKKIFGSLAFLPESFDGDPSSGIAPLRPEQLQVFETLEEITGYLYISAWPDSLRD
LSVFQNLRIIRGRILHDGAYSLTLQGLGIHSLGLRSLRELGSGLALIHRNAHLCFVHTVPWDQLFRNPHQALLHSGNRPE
EDCGLEGLVCNSLCAHGHCWGPGPTQCVNCSHFLRGQECVEECRVWKGLPREYVSDKRCLPCHPECQPQNSSETCFGSEA
DQCAACAHYKDSSSCVARCPSGVKPDLSYMPIWKYPDEEGICQPCPIN
;
_entity_poly.pdbx_strand_id   C
#
loop_
_chem_comp.id
_chem_comp.type
_chem_comp.name
_chem_comp.formula
NAG D-saccharide, beta linking 2-acetamido-2-deoxy-beta-D-glucopyranose 'C8 H15 N O6'
#
# COMPACT_ATOMS: atom_id res chain seq x y z
N THR A 1 -1.81 -12.92 -9.74
CA THR A 1 -0.97 -14.03 -9.15
C THR A 1 -1.81 -15.20 -8.59
N GLN A 2 -1.56 -15.58 -7.33
CA GLN A 2 -2.28 -16.67 -6.64
C GLN A 2 -2.46 -16.37 -5.13
N VAL A 3 -1.53 -15.60 -4.57
CA VAL A 3 -1.62 -15.13 -3.19
C VAL A 3 -1.99 -13.66 -3.22
N CYS A 4 -2.93 -13.26 -2.36
CA CYS A 4 -3.42 -11.90 -2.32
C CYS A 4 -3.67 -11.46 -0.87
N THR A 5 -4.11 -10.23 -0.68
CA THR A 5 -4.19 -9.66 0.64
C THR A 5 -5.63 -9.28 0.91
N GLY A 6 -6.11 -9.61 2.10
CA GLY A 6 -7.50 -9.39 2.43
C GLY A 6 -7.72 -7.96 2.86
N THR A 7 -8.77 -7.73 3.63
CA THR A 7 -9.11 -6.39 4.08
C THR A 7 -9.36 -6.36 5.58
N ASP A 8 -9.65 -5.16 6.07
CA ASP A 8 -9.89 -4.92 7.45
C ASP A 8 -10.89 -3.79 7.61
N MET A 9 -12.13 -4.02 7.22
CA MET A 9 -13.15 -3.00 7.29
C MET A 9 -14.28 -3.43 8.21
N LYS A 10 -14.24 -4.70 8.61
CA LYS A 10 -15.19 -5.27 9.58
C LYS A 10 -16.57 -5.02 9.05
N LEU A 11 -17.46 -4.44 9.82
CA LEU A 11 -18.82 -4.16 9.33
C LEU A 11 -19.07 -2.73 8.85
N ARG A 12 -18.04 -1.92 8.72
CA ARG A 12 -18.24 -0.51 8.40
C ARG A 12 -18.71 -0.40 6.96
N LEU A 13 -19.64 0.53 6.70
CA LEU A 13 -20.10 0.82 5.33
C LEU A 13 -18.92 1.10 4.39
N PRO A 14 -18.95 0.61 3.16
CA PRO A 14 -17.98 1.04 2.15
C PRO A 14 -18.08 2.53 1.88
N ALA A 15 -16.95 3.20 1.72
CA ALA A 15 -17.01 4.62 1.37
C ALA A 15 -17.62 4.82 0.02
N SER A 16 -17.40 3.87 -0.87
CA SER A 16 -17.84 3.99 -2.26
C SER A 16 -18.63 2.75 -2.71
N PRO A 17 -19.96 2.74 -2.53
CA PRO A 17 -20.78 1.62 -3.05
C PRO A 17 -20.73 1.56 -4.58
N GLU A 18 -20.67 2.74 -5.23
CA GLU A 18 -20.54 2.82 -6.68
C GLU A 18 -19.34 2.01 -7.13
N THR A 19 -18.46 1.64 -6.20
CA THR A 19 -17.15 1.11 -6.54
C THR A 19 -16.79 -0.16 -5.78
N HIS A 20 -17.46 -0.39 -4.66
CA HIS A 20 -17.17 -1.53 -3.78
C HIS A 20 -16.91 -2.86 -4.50
N LEU A 21 -17.79 -3.23 -5.43
CA LEU A 21 -17.71 -4.50 -6.16
C LEU A 21 -16.45 -4.62 -7.01
N ASP A 22 -16.16 -3.55 -7.73
CA ASP A 22 -14.93 -3.45 -8.52
C ASP A 22 -13.73 -3.76 -7.65
N MET A 23 -13.76 -3.17 -6.45
CA MET A 23 -12.74 -3.39 -5.45
C MET A 23 -12.59 -4.87 -5.12
N LEU A 24 -13.67 -5.49 -4.66
CA LEU A 24 -13.68 -6.92 -4.38
C LEU A 24 -13.18 -7.68 -5.62
N ARG A 25 -13.65 -7.28 -6.79
CA ARG A 25 -13.15 -7.94 -7.96
C ARG A 25 -11.62 -7.83 -8.12
N HIS A 26 -11.10 -6.60 -8.03
CA HIS A 26 -9.65 -6.41 -8.19
C HIS A 26 -8.85 -7.13 -7.10
N LEU A 27 -9.37 -7.20 -5.88
CA LEU A 27 -8.66 -7.92 -4.84
C LEU A 27 -8.63 -9.42 -5.02
N TYR A 28 -9.73 -10.01 -5.48
CA TYR A 28 -9.89 -11.44 -5.42
C TYR A 28 -9.81 -12.25 -6.72
N GLN A 29 -9.89 -11.58 -7.87
CA GLN A 29 -9.94 -12.26 -9.12
C GLN A 29 -8.64 -13.06 -9.32
N GLY A 30 -8.78 -14.35 -9.55
CA GLY A 30 -7.60 -15.18 -9.70
C GLY A 30 -6.94 -15.58 -8.36
N CYS A 31 -7.36 -15.02 -7.23
CA CYS A 31 -6.64 -15.25 -5.96
C CYS A 31 -6.96 -16.61 -5.33
N GLN A 32 -5.93 -17.36 -4.93
CA GLN A 32 -6.17 -18.67 -4.31
C GLN A 32 -5.97 -18.66 -2.83
N VAL A 33 -5.00 -17.89 -2.38
CA VAL A 33 -4.75 -17.74 -0.95
C VAL A 33 -4.92 -16.28 -0.53
N VAL A 34 -5.88 -16.00 0.34
CA VAL A 34 -6.08 -14.70 0.96
C VAL A 34 -5.30 -14.63 2.29
N GLN A 35 -4.30 -13.75 2.32
CA GLN A 35 -3.49 -13.47 3.51
C GLN A 35 -4.08 -12.31 4.28
N GLY A 36 -4.89 -12.59 5.27
CA GLY A 36 -5.69 -11.54 5.86
C GLY A 36 -7.10 -12.09 5.94
N ASN A 37 -8.04 -11.17 6.13
CA ASN A 37 -9.43 -11.48 6.32
C ASN A 37 -10.22 -11.27 5.04
N LEU A 38 -11.08 -12.25 4.73
CA LEU A 38 -11.89 -12.26 3.53
C LEU A 38 -13.21 -11.72 4.02
N GLU A 39 -13.53 -10.48 3.68
CA GLU A 39 -14.70 -9.79 4.18
C GLU A 39 -15.54 -9.40 3.00
N LEU A 40 -16.69 -10.06 2.93
CA LEU A 40 -17.59 -9.85 1.82
C LEU A 40 -18.80 -9.21 2.43
N THR A 41 -19.02 -7.93 2.10
CA THR A 41 -20.07 -7.21 2.79
C THR A 41 -20.75 -6.22 1.85
N TYR A 42 -22.04 -5.97 2.10
CA TYR A 42 -22.81 -4.98 1.33
C TYR A 42 -22.83 -5.22 -0.14
N VAL A 43 -22.87 -6.49 -0.52
CA VAL A 43 -22.99 -6.89 -1.92
C VAL A 43 -24.49 -6.90 -2.30
N PRO A 44 -24.87 -6.20 -3.37
CA PRO A 44 -26.29 -6.04 -3.69
C PRO A 44 -26.84 -7.26 -4.35
N ALA A 45 -28.15 -7.41 -4.18
CA ALA A 45 -29.02 -8.38 -4.84
C ALA A 45 -28.50 -9.09 -6.09
N ASN A 46 -28.02 -8.35 -7.08
CA ASN A 46 -27.68 -9.04 -8.32
C ASN A 46 -26.20 -9.18 -8.66
N ALA A 47 -25.33 -8.74 -7.75
CA ALA A 47 -23.90 -8.78 -8.00
C ALA A 47 -23.45 -10.15 -8.46
N SER A 48 -22.58 -10.17 -9.47
CA SER A 48 -21.77 -11.35 -9.80
C SER A 48 -20.58 -11.43 -8.83
N LEU A 49 -20.45 -12.56 -8.15
CA LEU A 49 -19.38 -12.78 -7.16
C LEU A 49 -18.41 -13.86 -7.61
N SER A 50 -18.36 -14.10 -8.92
CA SER A 50 -17.69 -15.29 -9.45
C SER A 50 -16.16 -15.23 -9.46
N PHE A 51 -15.62 -14.03 -9.24
CA PHE A 51 -14.23 -13.80 -9.08
C PHE A 51 -13.70 -14.36 -7.74
N LEU A 52 -14.58 -14.98 -6.96
CA LEU A 52 -14.20 -15.58 -5.68
C LEU A 52 -13.94 -17.03 -5.83
N GLN A 53 -14.04 -17.53 -7.06
CA GLN A 53 -14.25 -18.98 -7.24
C GLN A 53 -12.95 -19.78 -7.17
N ASP A 54 -11.81 -19.09 -7.03
CA ASP A 54 -10.54 -19.78 -6.96
C ASP A 54 -10.00 -19.84 -5.55
N ILE A 55 -10.63 -19.11 -4.65
CA ILE A 55 -10.17 -19.03 -3.28
C ILE A 55 -10.18 -20.41 -2.62
N GLN A 56 -9.01 -20.90 -2.26
CA GLN A 56 -8.91 -22.13 -1.51
C GLN A 56 -8.47 -21.94 -0.06
N GLU A 57 -8.04 -20.76 0.32
CA GLU A 57 -7.55 -20.64 1.67
C GLU A 57 -7.66 -19.22 2.18
N VAL A 58 -8.13 -19.06 3.42
CA VAL A 58 -8.17 -17.77 4.11
C VAL A 58 -7.28 -17.86 5.35
N GLN A 59 -6.29 -16.98 5.45
CA GLN A 59 -5.39 -17.00 6.60
C GLN A 59 -5.99 -16.35 7.88
N GLY A 60 -6.76 -15.29 7.74
CA GLY A 60 -7.42 -14.68 8.87
C GLY A 60 -8.81 -15.23 9.13
N TYR A 61 -9.79 -14.37 9.24
CA TYR A 61 -11.14 -14.85 9.38
C TYR A 61 -11.91 -14.62 8.09
N MET A 62 -13.09 -15.22 8.02
CA MET A 62 -13.96 -14.91 6.92
C MET A 62 -15.27 -14.35 7.44
N LEU A 63 -15.62 -13.18 6.92
CA LEU A 63 -16.81 -12.48 7.29
C LEU A 63 -17.67 -12.26 6.07
N ILE A 64 -18.89 -12.79 6.12
CA ILE A 64 -19.92 -12.56 5.13
C ILE A 64 -21.10 -11.86 5.84
N ALA A 65 -21.25 -10.55 5.61
CA ALA A 65 -22.25 -9.74 6.33
C ALA A 65 -22.97 -8.72 5.46
N HIS A 66 -24.23 -8.46 5.78
CA HIS A 66 -25.01 -7.38 5.18
C HIS A 66 -25.19 -7.44 3.64
N ASN A 67 -25.03 -8.62 3.04
CA ASN A 67 -25.33 -8.79 1.60
C ASN A 67 -26.76 -9.13 1.30
N GLN A 68 -27.20 -8.88 0.06
CA GLN A 68 -28.48 -9.39 -0.42
C GLN A 68 -28.37 -10.58 -1.37
N VAL A 69 -27.17 -10.93 -1.83
CA VAL A 69 -27.03 -12.04 -2.80
C VAL A 69 -27.59 -13.32 -2.21
N LYS A 70 -28.10 -14.21 -3.05
CA LYS A 70 -28.60 -15.48 -2.55
C LYS A 70 -27.49 -16.50 -2.35
N ARG A 71 -26.40 -16.35 -3.06
CA ARG A 71 -25.37 -17.36 -3.10
C ARG A 71 -24.03 -16.67 -3.04
N VAL A 72 -23.10 -17.23 -2.27
CA VAL A 72 -21.72 -16.76 -2.24
C VAL A 72 -20.78 -17.90 -2.73
N PRO A 73 -20.30 -17.83 -3.96
CA PRO A 73 -19.65 -18.99 -4.58
C PRO A 73 -18.22 -19.28 -4.05
N LEU A 74 -18.12 -19.85 -2.86
CA LEU A 74 -16.86 -20.25 -2.25
C LEU A 74 -16.65 -21.80 -2.16
N GLN A 75 -16.95 -22.52 -3.24
CA GLN A 75 -16.93 -23.98 -3.15
C GLN A 75 -15.53 -24.59 -3.21
N ARG A 76 -14.52 -23.79 -3.47
CA ARG A 76 -13.16 -24.30 -3.43
C ARG A 76 -12.40 -23.96 -2.14
N LEU A 77 -13.06 -23.28 -1.22
CA LEU A 77 -12.45 -22.90 0.04
C LEU A 77 -12.24 -24.07 1.03
N ARG A 78 -10.98 -24.31 1.35
CA ARG A 78 -10.58 -25.54 2.03
C ARG A 78 -10.31 -25.34 3.49
N ILE A 79 -9.78 -24.18 3.85
CA ILE A 79 -9.29 -23.93 5.19
C ILE A 79 -9.37 -22.45 5.52
N VAL A 80 -9.80 -22.14 6.73
CA VAL A 80 -9.66 -20.83 7.32
C VAL A 80 -8.71 -21.07 8.50
N ARG A 81 -7.56 -20.38 8.51
CA ARG A 81 -6.61 -20.59 9.61
C ARG A 81 -6.97 -19.82 10.87
N GLY A 82 -7.67 -18.70 10.76
CA GLY A 82 -7.94 -17.88 11.94
C GLY A 82 -6.75 -17.29 12.72
N THR A 83 -5.73 -16.82 12.01
CA THR A 83 -4.63 -16.14 12.69
C THR A 83 -5.15 -14.83 13.27
N GLN A 84 -6.26 -14.33 12.71
CA GLN A 84 -7.05 -13.24 13.29
C GLN A 84 -8.53 -13.66 13.35
N LEU A 85 -9.23 -13.14 14.36
CA LEU A 85 -10.59 -13.55 14.64
C LEU A 85 -11.55 -12.36 14.69
N PHE A 86 -12.77 -12.55 14.19
CA PHE A 86 -13.75 -11.50 14.22
C PHE A 86 -14.29 -11.40 15.62
N GLU A 87 -14.40 -10.17 16.13
CA GLU A 87 -14.79 -9.94 17.53
C GLU A 87 -13.86 -10.77 18.40
N ASP A 88 -12.62 -10.92 17.96
CA ASP A 88 -11.62 -11.69 18.70
C ASP A 88 -12.06 -13.11 19.00
N LYS A 89 -13.06 -13.64 18.29
CA LYS A 89 -13.37 -15.04 18.47
C LYS A 89 -13.88 -15.94 17.38
N TYR A 90 -14.14 -15.43 16.19
CA TYR A 90 -14.78 -16.29 15.20
C TYR A 90 -13.97 -16.37 13.96
N ALA A 91 -13.73 -17.58 13.47
CA ALA A 91 -13.07 -17.74 12.21
C ALA A 91 -14.07 -17.53 11.06
N LEU A 92 -15.36 -17.77 11.30
CA LEU A 92 -16.41 -17.63 10.30
C LEU A 92 -17.58 -16.92 10.92
N ALA A 93 -17.96 -15.83 10.28
CA ALA A 93 -18.98 -14.95 10.83
C ALA A 93 -19.85 -14.63 9.63
N VAL A 94 -21.14 -14.98 9.73
CA VAL A 94 -22.13 -14.82 8.65
C VAL A 94 -23.30 -14.03 9.28
N LEU A 95 -23.35 -12.74 9.02
CA LEU A 95 -24.24 -11.84 9.76
C LEU A 95 -25.23 -11.07 8.89
N ASP A 96 -26.50 -11.08 9.27
CA ASP A 96 -27.42 -10.06 8.80
C ASP A 96 -27.54 -9.94 7.26
N ASN A 97 -27.41 -11.08 6.57
CA ASN A 97 -27.60 -11.18 5.14
C ASN A 97 -29.07 -11.29 4.73
N ARG A 98 -29.73 -10.14 4.69
CA ARG A 98 -31.16 -10.04 4.43
C ARG A 98 -31.48 -8.65 3.81
N ASP A 99 -32.72 -8.46 3.37
CA ASP A 99 -33.18 -7.11 3.01
C ASP A 99 -34.11 -6.59 4.09
N PRO A 100 -34.35 -5.29 4.09
CA PRO A 100 -35.37 -4.68 4.97
C PRO A 100 -36.77 -4.94 4.44
N GLN A 101 -37.14 -6.22 4.30
CA GLN A 101 -38.33 -6.65 3.56
C GLN A 101 -39.43 -5.59 3.36
N PRO A 113 -37.79 -12.76 -2.67
CA PRO A 113 -37.30 -12.57 -1.29
C PRO A 113 -35.78 -12.63 -1.29
N GLU A 114 -35.11 -11.60 -0.82
CA GLU A 114 -33.65 -11.63 -0.91
C GLU A 114 -32.94 -12.04 0.36
N GLY A 115 -31.63 -12.26 0.24
CA GLY A 115 -30.85 -12.81 1.33
C GLY A 115 -30.25 -14.19 1.05
N LEU A 116 -29.06 -14.39 1.60
CA LEU A 116 -28.30 -15.64 1.50
C LEU A 116 -29.14 -16.84 1.81
N ARG A 117 -29.05 -17.87 0.95
CA ARG A 117 -29.87 -19.08 1.11
C ARG A 117 -29.14 -20.32 1.62
N GLU A 118 -27.92 -20.54 1.16
CA GLU A 118 -27.13 -21.70 1.58
C GLU A 118 -25.71 -21.19 1.64
N LEU A 119 -24.87 -21.81 2.48
CA LEU A 119 -23.46 -21.43 2.50
C LEU A 119 -22.62 -22.22 1.47
N GLN A 120 -22.97 -23.47 1.19
CA GLN A 120 -22.28 -24.22 0.12
C GLN A 120 -20.73 -24.25 0.25
N LEU A 121 -20.23 -24.19 1.48
CA LEU A 121 -18.80 -24.27 1.74
C LEU A 121 -18.33 -25.73 1.68
N ARG A 122 -18.65 -26.42 0.59
CA ARG A 122 -18.52 -27.87 0.50
C ARG A 122 -17.07 -28.42 0.46
N SER A 123 -16.11 -27.50 0.30
CA SER A 123 -14.70 -27.82 0.43
C SER A 123 -14.07 -27.45 1.79
N LEU A 124 -14.80 -26.76 2.65
CA LEU A 124 -14.19 -26.25 3.90
C LEU A 124 -14.07 -27.41 4.87
N THR A 125 -12.91 -28.03 4.93
CA THR A 125 -12.78 -29.13 5.86
C THR A 125 -11.85 -28.80 7.04
N GLU A 126 -11.50 -27.52 7.20
CA GLU A 126 -10.56 -27.15 8.24
C GLU A 126 -10.67 -25.73 8.75
N ILE A 127 -10.87 -25.61 10.07
CA ILE A 127 -10.77 -24.35 10.79
C ILE A 127 -9.78 -24.52 11.93
N LEU A 128 -8.53 -24.10 11.68
CA LEU A 128 -7.49 -24.24 12.70
C LEU A 128 -7.81 -23.50 14.02
N LYS A 129 -8.40 -22.29 13.98
CA LYS A 129 -8.60 -21.50 15.21
C LYS A 129 -9.88 -20.69 15.13
N GLY A 130 -10.57 -20.57 16.25
CA GLY A 130 -11.77 -19.76 16.34
C GLY A 130 -13.02 -20.53 15.98
N GLY A 131 -14.18 -19.96 16.28
CA GLY A 131 -15.41 -20.69 16.01
C GLY A 131 -16.26 -20.03 14.94
N VAL A 132 -17.56 -20.13 15.13
CA VAL A 132 -18.53 -19.83 14.08
C VAL A 132 -19.66 -19.05 14.69
N LEU A 133 -20.02 -17.98 13.99
CA LEU A 133 -21.13 -17.13 14.35
C LEU A 133 -21.96 -16.96 13.08
N ILE A 134 -23.25 -17.33 13.17
CA ILE A 134 -24.23 -17.22 12.10
C ILE A 134 -25.48 -16.68 12.73
N ARG A 135 -25.82 -15.44 12.38
CA ARG A 135 -26.94 -14.79 13.04
C ARG A 135 -27.63 -13.77 12.10
N GLY A 136 -28.96 -13.72 12.11
CA GLY A 136 -29.76 -12.73 11.42
C GLY A 136 -29.83 -12.98 9.93
N ASN A 137 -29.79 -14.25 9.52
CA ASN A 137 -29.82 -14.62 8.11
C ASN A 137 -31.10 -15.38 7.82
N PRO A 138 -32.21 -14.67 7.58
CA PRO A 138 -33.56 -15.28 7.62
C PRO A 138 -33.94 -16.20 6.46
N GLN A 139 -33.09 -16.31 5.44
CA GLN A 139 -33.42 -17.18 4.30
C GLN A 139 -32.50 -18.38 4.28
N LEU A 140 -31.60 -18.40 5.24
CA LEU A 140 -30.48 -19.34 5.25
C LEU A 140 -30.89 -20.68 5.78
N CYS A 141 -30.47 -21.74 5.09
CA CYS A 141 -30.69 -23.11 5.51
C CYS A 141 -29.34 -23.86 5.54
N TYR A 142 -29.33 -24.97 6.28
CA TYR A 142 -28.23 -25.96 6.32
C TYR A 142 -27.08 -25.59 7.24
N GLN A 143 -27.28 -24.50 7.95
CA GLN A 143 -26.30 -23.93 8.87
C GLN A 143 -26.26 -24.83 10.10
N ASP A 144 -27.33 -25.59 10.29
CA ASP A 144 -27.44 -26.49 11.43
C ASP A 144 -27.26 -27.97 11.05
N MET A 145 -26.86 -28.21 9.81
CA MET A 145 -26.63 -29.57 9.32
C MET A 145 -25.15 -29.83 8.98
N VAL A 146 -24.29 -28.89 9.39
CA VAL A 146 -22.86 -29.09 9.34
C VAL A 146 -22.43 -29.74 10.66
N LEU A 147 -21.66 -30.82 10.57
CA LEU A 147 -20.96 -31.31 11.75
C LEU A 147 -19.75 -30.40 11.89
N TRP A 148 -19.85 -29.42 12.78
CA TRP A 148 -18.81 -28.39 12.93
C TRP A 148 -17.55 -28.94 13.52
N LYS A 149 -17.69 -29.87 14.46
CA LYS A 149 -16.52 -30.38 15.14
C LYS A 149 -15.66 -31.25 14.22
N ASP A 150 -16.22 -31.68 13.08
CA ASP A 150 -15.36 -32.30 12.07
C ASP A 150 -14.48 -31.22 11.42
N VAL A 151 -15.08 -30.05 11.22
CA VAL A 151 -14.43 -28.91 10.60
C VAL A 151 -13.31 -28.31 11.49
N PHE A 152 -13.60 -28.18 12.78
CA PHE A 152 -12.71 -27.53 13.70
C PHE A 152 -11.61 -28.51 13.91
N ARG A 153 -10.37 -28.05 13.83
CA ARG A 153 -9.22 -28.90 14.15
C ARG A 153 -9.38 -29.61 15.51
N LYS A 154 -8.76 -30.78 15.66
CA LYS A 154 -8.90 -31.56 16.88
C LYS A 154 -8.69 -30.72 18.13
N ASN A 155 -7.71 -29.83 18.13
CA ASN A 155 -7.42 -28.99 19.29
C ASN A 155 -8.12 -27.63 19.22
N ASN A 156 -9.09 -27.53 18.31
CA ASN A 156 -9.88 -26.32 18.22
C ASN A 156 -11.30 -26.70 18.61
N GLN A 157 -11.42 -27.82 19.31
CA GLN A 157 -12.72 -28.43 19.58
C GLN A 157 -13.67 -27.65 20.50
N LEU A 158 -13.12 -26.79 21.35
CA LEU A 158 -13.93 -25.97 22.26
C LEU A 158 -14.35 -24.63 21.64
N ALA A 159 -14.18 -24.50 20.33
CA ALA A 159 -14.51 -23.26 19.66
C ALA A 159 -16.01 -23.01 19.70
N PRO A 160 -16.40 -21.77 19.95
CA PRO A 160 -17.83 -21.45 20.10
C PRO A 160 -18.58 -21.65 18.77
N VAL A 161 -19.76 -22.24 18.89
CA VAL A 161 -20.71 -22.38 17.80
C VAL A 161 -21.98 -21.59 18.17
N ASP A 162 -22.15 -20.41 17.58
CA ASP A 162 -23.23 -19.52 17.95
C ASP A 162 -24.06 -19.34 16.71
N ILE A 163 -24.97 -20.29 16.52
CA ILE A 163 -25.63 -20.45 15.23
C ILE A 163 -27.11 -20.39 15.44
N ASP A 164 -27.66 -19.29 14.97
CA ASP A 164 -29.06 -18.98 15.07
C ASP A 164 -29.79 -19.64 13.89
N THR A 165 -30.97 -20.22 14.13
CA THR A 165 -31.77 -20.82 13.04
C THR A 165 -33.14 -20.16 12.77
N ASN A 166 -33.36 -18.97 13.34
CA ASN A 166 -34.58 -18.20 13.06
C ASN A 166 -34.75 -17.97 11.55
N ARG A 167 -35.88 -18.38 11.01
CA ARG A 167 -36.05 -18.44 9.57
C ARG A 167 -37.45 -18.03 9.22
N SER A 168 -37.61 -17.38 8.07
CA SER A 168 -38.92 -17.21 7.48
C SER A 168 -39.08 -18.16 6.30
N ARG A 169 -38.33 -19.25 6.29
CA ARG A 169 -38.64 -20.33 5.34
C ARG A 169 -38.41 -21.75 5.85
N ALA A 170 -39.02 -22.70 5.15
CA ALA A 170 -38.92 -24.12 5.47
C ALA A 170 -37.77 -24.77 4.72
N CYS A 171 -36.90 -25.43 5.47
CA CYS A 171 -35.73 -26.06 4.88
C CYS A 171 -36.04 -27.44 4.29
N PRO A 172 -35.61 -27.68 3.05
CA PRO A 172 -35.68 -29.03 2.48
C PRO A 172 -34.58 -29.90 3.16
N PRO A 173 -34.74 -31.22 3.20
CA PRO A 173 -33.78 -32.07 3.95
C PRO A 173 -32.40 -32.12 3.25
N CYS A 174 -31.42 -32.81 3.86
CA CYS A 174 -30.18 -33.09 3.14
C CYS A 174 -30.50 -34.14 2.10
N ALA A 175 -30.04 -33.90 0.88
CA ALA A 175 -30.26 -34.81 -0.23
C ALA A 175 -30.02 -36.28 0.16
N PRO A 176 -30.88 -37.18 -0.32
CA PRO A 176 -30.82 -38.60 0.05
C PRO A 176 -29.40 -39.19 -0.13
N ALA A 177 -28.74 -38.87 -1.24
CA ALA A 177 -27.39 -39.40 -1.53
C ALA A 177 -26.32 -39.06 -0.47
N CYS A 178 -26.55 -38.03 0.34
CA CYS A 178 -25.68 -37.76 1.47
C CYS A 178 -25.66 -38.94 2.44
N LYS A 179 -24.48 -39.57 2.50
CA LYS A 179 -24.20 -40.83 3.20
C LYS A 179 -24.45 -40.72 4.71
N ASP A 180 -23.96 -39.63 5.31
CA ASP A 180 -24.35 -39.20 6.65
C ASP A 180 -25.37 -38.08 6.43
N ASN A 181 -26.20 -37.78 7.44
CA ASN A 181 -27.15 -36.67 7.35
C ASN A 181 -26.52 -35.24 7.49
N HIS A 182 -25.43 -34.98 6.78
CA HIS A 182 -24.74 -33.67 6.89
C HIS A 182 -24.47 -33.02 5.55
N CYS A 183 -24.76 -31.72 5.45
CA CYS A 183 -24.61 -31.03 4.17
C CYS A 183 -24.56 -29.51 4.29
N TRP A 184 -24.10 -28.85 3.23
CA TRP A 184 -24.00 -27.38 3.23
C TRP A 184 -25.08 -26.72 2.42
N GLY A 185 -26.06 -27.48 1.97
CA GLY A 185 -27.01 -27.04 0.96
C GLY A 185 -27.80 -28.22 0.43
N GLU A 186 -28.77 -27.96 -0.44
CA GLU A 186 -29.76 -29.00 -0.75
C GLU A 186 -29.36 -30.03 -1.81
N SER A 187 -28.36 -29.66 -2.62
CA SER A 187 -27.94 -30.48 -3.76
C SER A 187 -27.00 -31.64 -3.39
N PRO A 188 -27.01 -32.71 -4.21
CA PRO A 188 -26.16 -33.88 -3.95
C PRO A 188 -24.66 -33.56 -4.05
N GLU A 189 -24.32 -32.36 -4.51
CA GLU A 189 -22.94 -31.89 -4.58
C GLU A 189 -22.51 -31.27 -3.24
N ASP A 190 -23.47 -30.74 -2.49
CA ASP A 190 -23.18 -30.07 -1.21
C ASP A 190 -23.17 -31.01 0.04
N CYS A 191 -23.11 -32.31 -0.18
CA CYS A 191 -22.89 -33.27 0.90
C CYS A 191 -21.61 -32.93 1.71
N GLN A 192 -21.70 -32.90 3.04
CA GLN A 192 -20.51 -32.65 3.85
C GLN A 192 -19.52 -33.77 3.69
N ILE A 193 -18.28 -33.42 3.40
CA ILE A 193 -17.24 -34.45 3.41
C ILE A 193 -16.58 -34.38 4.78
N LEU A 194 -16.57 -35.53 5.45
CA LEU A 194 -16.02 -35.66 6.79
C LEU A 194 -14.60 -36.18 6.68
N THR A 195 -13.70 -35.50 7.38
CA THR A 195 -12.27 -35.87 7.42
C THR A 195 -11.64 -35.79 8.79
N GLY A 196 -12.42 -35.58 9.83
CA GLY A 196 -11.88 -35.45 11.16
C GLY A 196 -12.47 -36.50 12.07
N THR A 197 -13.80 -36.50 12.16
CA THR A 197 -14.52 -37.35 13.09
C THR A 197 -14.55 -38.83 12.73
N ILE A 198 -14.18 -39.17 11.50
CA ILE A 198 -14.30 -40.55 11.05
C ILE A 198 -12.99 -41.34 11.12
N CYS A 199 -11.93 -40.64 11.52
CA CYS A 199 -10.57 -41.20 11.49
C CYS A 199 -10.34 -42.24 12.55
N THR A 200 -9.41 -43.16 12.27
CA THR A 200 -8.88 -44.10 13.27
C THR A 200 -8.02 -43.35 14.25
N SER A 201 -7.86 -43.97 15.42
CA SER A 201 -6.72 -43.77 16.33
C SER A 201 -6.29 -42.32 16.63
N GLY A 202 -4.99 -42.06 16.48
CA GLY A 202 -4.40 -40.76 16.76
C GLY A 202 -4.22 -40.04 15.45
N CYS A 203 -5.16 -40.27 14.53
CA CYS A 203 -5.15 -39.68 13.20
C CYS A 203 -6.03 -38.46 13.17
N ALA A 204 -5.40 -37.28 13.15
CA ALA A 204 -6.13 -36.02 13.12
C ALA A 204 -6.98 -35.79 11.84
N ARG A 205 -6.50 -36.28 10.70
CA ARG A 205 -7.16 -36.09 9.41
C ARG A 205 -7.04 -37.32 8.52
N CYS A 206 -8.11 -37.66 7.83
CA CYS A 206 -8.08 -38.83 6.95
C CYS A 206 -8.92 -38.62 5.69
N LYS A 207 -8.79 -39.54 4.73
CA LYS A 207 -9.63 -39.55 3.54
C LYS A 207 -10.62 -40.71 3.61
N GLY A 208 -10.63 -41.43 4.72
CA GLY A 208 -11.48 -42.60 4.91
C GLY A 208 -11.39 -43.19 6.31
N ARG A 209 -12.11 -44.29 6.56
CA ARG A 209 -12.32 -44.80 7.90
C ARG A 209 -11.19 -45.68 8.41
N LEU A 210 -10.38 -46.17 7.47
CA LEU A 210 -9.24 -47.07 7.73
C LEU A 210 -7.95 -46.30 7.99
N PRO A 211 -6.97 -46.95 8.63
CA PRO A 211 -5.66 -46.30 8.91
C PRO A 211 -4.83 -46.05 7.66
N THR A 212 -5.04 -46.87 6.62
CA THR A 212 -4.48 -46.68 5.27
C THR A 212 -4.95 -45.36 4.64
N ASP A 213 -5.97 -44.76 5.25
CA ASP A 213 -6.53 -43.54 4.75
C ASP A 213 -6.03 -42.33 5.55
N CYS A 214 -5.22 -42.56 6.57
CA CYS A 214 -4.70 -41.48 7.41
C CYS A 214 -3.89 -40.49 6.60
N CYS A 215 -4.09 -39.20 6.88
CA CYS A 215 -3.24 -38.18 6.33
C CYS A 215 -2.04 -38.03 7.21
N HIS A 216 -0.92 -37.68 6.58
CA HIS A 216 0.23 -37.14 7.27
C HIS A 216 -0.14 -36.03 8.29
N GLU A 217 0.56 -36.02 9.45
CA GLU A 217 0.27 -35.08 10.54
C GLU A 217 0.49 -33.65 10.16
N GLN A 218 1.30 -33.41 9.12
CA GLN A 218 1.55 -32.06 8.66
C GLN A 218 0.52 -31.57 7.65
N CYS A 219 -0.39 -32.44 7.16
CA CYS A 219 -1.54 -32.01 6.36
C CYS A 219 -2.60 -31.28 7.21
N ALA A 220 -3.44 -30.46 6.58
CA ALA A 220 -4.39 -29.61 7.32
C ALA A 220 -5.87 -29.87 7.09
N ALA A 221 -6.29 -30.22 5.90
CA ALA A 221 -7.74 -30.28 5.65
C ALA A 221 -8.16 -31.66 5.20
N GLY A 222 -7.20 -32.40 4.65
CA GLY A 222 -7.35 -33.77 4.19
C GLY A 222 -6.17 -34.15 3.31
N CYS A 223 -6.33 -35.23 2.54
CA CYS A 223 -5.26 -35.70 1.67
C CYS A 223 -5.73 -36.57 0.53
N THR A 224 -4.83 -36.77 -0.41
CA THR A 224 -4.97 -37.76 -1.48
C THR A 224 -4.41 -39.14 -1.11
N GLY A 225 -3.43 -39.16 -0.21
CA GLY A 225 -2.83 -40.36 0.29
C GLY A 225 -2.08 -40.08 1.59
N PRO A 226 -1.11 -40.93 1.90
CA PRO A 226 -0.44 -40.88 3.21
C PRO A 226 0.73 -39.90 3.30
N LYS A 227 1.28 -39.47 2.18
CA LYS A 227 2.56 -38.76 2.18
C LYS A 227 2.42 -37.26 2.51
N HIS A 228 3.54 -36.60 2.80
CA HIS A 228 3.50 -35.13 3.07
C HIS A 228 3.48 -34.30 1.76
N SER A 229 3.32 -35.00 0.63
CA SER A 229 3.21 -34.43 -0.70
C SER A 229 1.77 -34.57 -1.23
N ASP A 230 0.88 -35.13 -0.40
CA ASP A 230 -0.49 -35.45 -0.80
C ASP A 230 -1.52 -34.64 -0.04
N CYS A 231 -1.08 -33.57 0.64
CA CYS A 231 -2.00 -32.84 1.52
C CYS A 231 -3.00 -32.05 0.73
N LEU A 232 -4.17 -31.84 1.32
CA LEU A 232 -5.07 -30.88 0.69
C LEU A 232 -4.63 -29.46 1.06
N ALA A 233 -4.04 -29.29 2.24
CA ALA A 233 -3.48 -28.00 2.67
C ALA A 233 -2.39 -28.27 3.71
N CYS A 234 -1.45 -27.33 3.84
CA CYS A 234 -0.40 -27.54 4.83
C CYS A 234 -0.81 -26.95 6.18
N LEU A 235 -0.52 -27.69 7.23
CA LEU A 235 -0.77 -27.25 8.59
C LEU A 235 0.09 -26.05 8.93
N HIS A 236 1.36 -26.07 8.53
CA HIS A 236 2.30 -24.99 8.83
C HIS A 236 2.90 -24.36 7.60
N PHE A 237 3.78 -25.07 6.88
CA PHE A 237 4.48 -24.49 5.74
C PHE A 237 4.57 -25.45 4.59
N ASN A 238 4.35 -24.92 3.39
CA ASN A 238 4.52 -25.59 2.09
C ASN A 238 5.92 -25.28 1.59
N HIS A 239 6.76 -26.29 1.60
CA HIS A 239 8.13 -26.21 1.10
C HIS A 239 8.16 -26.93 -0.26
N SER A 240 7.72 -26.20 -1.27
CA SER A 240 7.70 -26.68 -2.64
C SER A 240 7.01 -28.05 -2.82
N GLY A 241 5.83 -28.18 -2.23
CA GLY A 241 4.98 -29.31 -2.47
C GLY A 241 5.06 -30.38 -1.39
N ILE A 242 5.83 -30.11 -0.34
CA ILE A 242 5.89 -30.97 0.83
C ILE A 242 5.52 -30.15 2.04
N CYS A 243 4.51 -30.57 2.78
CA CYS A 243 4.15 -29.87 4.00
C CYS A 243 5.09 -30.22 5.10
N GLU A 244 5.59 -29.20 5.77
CA GLU A 244 6.63 -29.35 6.78
C GLU A 244 6.37 -28.43 7.94
N LEU A 245 6.87 -28.85 9.10
CA LEU A 245 6.69 -28.17 10.37
C LEU A 245 7.36 -26.81 10.35
N HIS A 246 8.55 -26.76 9.75
CA HIS A 246 9.42 -25.57 9.66
C HIS A 246 9.99 -25.40 8.25
N CYS A 247 10.30 -24.15 7.85
CA CYS A 247 11.10 -23.90 6.63
C CYS A 247 12.57 -24.20 6.91
N PRO A 248 13.32 -24.60 5.91
CA PRO A 248 14.72 -24.91 6.16
C PRO A 248 15.42 -23.62 6.59
N ALA A 249 16.31 -23.75 7.57
CA ALA A 249 17.03 -22.61 8.16
C ALA A 249 17.97 -21.96 7.15
N LEU A 250 18.27 -20.69 7.37
CA LEU A 250 19.23 -20.02 6.50
C LEU A 250 20.65 -20.37 6.88
N VAL A 251 20.86 -20.79 8.13
CA VAL A 251 22.18 -21.11 8.64
C VAL A 251 22.13 -22.42 9.40
N THR A 252 23.17 -23.25 9.21
CA THR A 252 23.32 -24.56 9.87
C THR A 252 24.57 -24.60 10.75
N TYR A 253 24.55 -25.47 11.76
CA TYR A 253 25.64 -25.59 12.73
C TYR A 253 26.29 -26.96 12.62
N GLU A 259 31.04 -25.54 14.28
CA GLU A 259 31.13 -24.54 13.22
C GLU A 259 29.74 -24.34 12.62
N SER A 260 29.37 -23.08 12.35
CA SER A 260 28.11 -22.75 11.69
C SER A 260 28.32 -22.18 10.27
N MET A 261 27.44 -22.53 9.33
CA MET A 261 27.60 -22.19 7.91
C MET A 261 26.30 -21.81 7.20
N HIS A 262 26.39 -21.15 6.05
CA HIS A 262 25.19 -20.79 5.24
C HIS A 262 24.56 -22.03 4.56
N ASN A 263 23.23 -22.14 4.65
CA ASN A 263 22.48 -23.29 4.09
C ASN A 263 21.85 -22.95 2.72
N PRO A 264 22.30 -23.62 1.66
CA PRO A 264 21.85 -23.31 0.28
C PRO A 264 20.42 -23.80 0.01
N GLU A 265 19.87 -24.46 1.02
CA GLU A 265 18.48 -24.90 1.03
C GLU A 265 17.64 -23.88 1.78
N GLY A 266 18.31 -22.94 2.43
CA GLY A 266 17.64 -21.93 3.25
C GLY A 266 16.42 -21.33 2.60
N ARG A 267 15.36 -21.15 3.40
CA ARG A 267 14.15 -20.54 2.93
C ARG A 267 13.63 -19.54 3.93
N TYR A 268 12.93 -18.54 3.38
CA TYR A 268 12.22 -17.55 4.14
C TYR A 268 10.76 -17.97 4.31
N THR A 269 10.16 -17.63 5.47
CA THR A 269 8.77 -17.90 5.71
C THR A 269 7.92 -16.74 5.27
N PHE A 270 6.98 -17.02 4.38
CA PHE A 270 6.01 -16.03 4.01
C PHE A 270 4.67 -16.74 4.04
N GLY A 271 3.84 -16.35 5.01
CA GLY A 271 2.55 -17.02 5.25
C GLY A 271 2.74 -18.51 5.54
N ALA A 272 2.04 -19.35 4.79
CA ALA A 272 2.17 -20.78 5.01
C ALA A 272 3.06 -21.36 3.94
N SER A 273 4.07 -20.56 3.53
CA SER A 273 4.97 -20.98 2.47
C SER A 273 6.44 -20.69 2.77
N CYS A 274 7.31 -21.50 2.16
CA CYS A 274 8.76 -21.35 2.24
C CYS A 274 9.18 -20.76 0.91
N VAL A 275 9.68 -19.53 0.94
CA VAL A 275 10.09 -18.85 -0.27
C VAL A 275 11.60 -18.66 -0.31
N THR A 276 12.15 -18.72 -1.52
CA THR A 276 13.57 -18.49 -1.78
C THR A 276 13.92 -17.05 -1.43
N THR A 277 12.96 -16.17 -1.67
CA THR A 277 13.15 -14.74 -1.50
C THR A 277 11.85 -14.07 -1.05
N CYS A 278 11.95 -13.04 -0.20
CA CYS A 278 10.77 -12.27 0.21
C CYS A 278 10.03 -11.62 -0.98
N PRO A 279 8.70 -11.63 -0.96
CA PRO A 279 7.94 -10.93 -2.01
C PRO A 279 8.14 -9.41 -1.96
N TYR A 280 7.95 -8.76 -3.10
CA TYR A 280 8.01 -7.29 -3.20
C TYR A 280 7.32 -6.61 -2.02
N ASN A 281 7.92 -5.52 -1.52
CA ASN A 281 7.36 -4.64 -0.46
C ASN A 281 7.53 -5.22 0.94
N TYR A 282 8.14 -6.40 1.04
CA TYR A 282 8.42 -7.05 2.33
C TYR A 282 9.86 -6.92 2.74
N LEU A 283 10.10 -7.03 4.04
CA LEU A 283 11.48 -6.95 4.57
C LEU A 283 11.93 -8.31 5.08
N SER A 284 13.23 -8.56 5.00
CA SER A 284 13.79 -9.81 5.47
C SER A 284 14.32 -9.62 6.87
N THR A 285 14.07 -10.58 7.73
CA THR A 285 14.68 -10.58 9.04
C THR A 285 15.92 -11.47 9.04
N GLU A 286 16.83 -11.26 9.99
CA GLU A 286 17.97 -12.17 10.19
C GLU A 286 17.51 -13.64 10.33
N VAL A 287 16.48 -13.88 11.14
CA VAL A 287 15.92 -15.24 11.26
C VAL A 287 15.19 -15.74 10.00
N GLY A 288 15.19 -14.96 8.93
CA GLY A 288 14.53 -15.40 7.72
C GLY A 288 13.02 -15.47 7.78
N SER A 289 12.39 -14.51 8.42
CA SER A 289 10.98 -14.30 8.14
C SER A 289 10.78 -13.04 7.28
N CYS A 290 9.62 -12.93 6.66
CA CYS A 290 9.30 -11.76 5.88
C CYS A 290 8.29 -10.94 6.67
N THR A 291 8.50 -9.65 6.83
CA THR A 291 7.51 -8.80 7.49
C THR A 291 7.19 -7.57 6.73
N LEU A 292 6.05 -6.99 7.10
CA LEU A 292 5.74 -5.61 6.76
C LEU A 292 6.32 -4.66 7.78
N VAL A 293 6.59 -5.14 9.01
CA VAL A 293 7.15 -4.31 10.09
C VAL A 293 8.31 -4.97 10.86
N CYS A 294 9.42 -4.26 10.97
CA CYS A 294 10.56 -4.77 11.71
C CYS A 294 10.22 -5.00 13.20
N PRO A 295 10.81 -6.02 13.82
CA PRO A 295 10.81 -6.15 15.28
C PRO A 295 11.32 -4.87 15.95
N PRO A 296 11.00 -4.66 17.23
CA PRO A 296 11.40 -3.45 17.94
C PRO A 296 12.93 -3.26 17.95
N ASN A 297 13.35 -1.99 17.92
CA ASN A 297 14.76 -1.59 17.88
C ASN A 297 15.52 -2.22 16.71
N ASN A 298 14.86 -2.32 15.56
CA ASN A 298 15.52 -2.63 14.31
C ASN A 298 15.65 -1.36 13.48
N GLN A 299 16.43 -1.41 12.40
CA GLN A 299 16.29 -0.43 11.32
C GLN A 299 16.08 -1.10 9.96
N GLU A 300 15.48 -0.36 9.02
CA GLU A 300 15.29 -0.85 7.67
C GLU A 300 16.50 -0.41 6.87
N VAL A 301 17.22 -1.38 6.31
CA VAL A 301 18.29 -1.04 5.41
C VAL A 301 17.95 -1.47 4.01
N THR A 302 18.12 -0.53 3.09
CA THR A 302 17.85 -0.77 1.69
C THR A 302 19.16 -1.26 1.13
N ALA A 303 19.26 -2.56 0.85
CA ALA A 303 20.36 -3.02 0.02
C ALA A 303 20.37 -2.12 -1.23
N GLU A 304 21.57 -1.73 -1.68
CA GLU A 304 21.78 -0.69 -2.70
C GLU A 304 20.84 -0.77 -3.93
N ASP A 305 20.31 -1.97 -4.16
CA ASP A 305 19.75 -2.41 -5.44
C ASP A 305 18.22 -2.75 -5.47
N GLY A 306 17.60 -2.93 -4.32
CA GLY A 306 16.16 -3.16 -4.29
C GLY A 306 15.66 -3.67 -2.97
N THR A 307 16.29 -4.76 -2.51
CA THR A 307 16.02 -5.40 -1.22
C THR A 307 15.87 -4.40 -0.06
N GLN A 308 15.03 -4.76 0.89
CA GLN A 308 15.04 -4.16 2.23
C GLN A 308 15.16 -5.24 3.31
N ARG A 309 15.90 -4.95 4.37
CA ARG A 309 15.96 -5.90 5.48
C ARG A 309 15.87 -5.21 6.82
N CYS A 310 15.38 -5.99 7.78
CA CYS A 310 15.37 -5.67 9.19
C CYS A 310 16.72 -6.04 9.79
N GLU A 311 17.27 -5.11 10.53
CA GLU A 311 18.54 -5.34 11.24
C GLU A 311 18.46 -4.67 12.62
N LYS A 312 18.67 -5.47 13.67
CA LYS A 312 18.72 -4.96 15.04
C LYS A 312 19.82 -3.89 15.16
N CYS A 313 19.57 -2.87 15.97
CA CYS A 313 20.54 -1.80 16.20
C CYS A 313 21.44 -2.25 17.36
N SER A 314 22.75 -2.29 17.15
CA SER A 314 23.67 -2.71 18.22
C SER A 314 23.65 -1.72 19.40
N LYS A 315 23.80 -0.43 19.09
CA LYS A 315 23.55 0.67 20.02
C LYS A 315 22.19 1.33 19.70
N PRO A 316 21.73 2.29 20.53
CA PRO A 316 20.56 3.12 20.22
C PRO A 316 20.28 3.44 18.72
N CYS A 317 19.12 2.99 18.22
CA CYS A 317 18.63 3.31 16.88
C CYS A 317 18.60 4.83 16.64
N ALA A 318 19.01 5.26 15.45
CA ALA A 318 18.80 6.64 15.01
C ALA A 318 17.32 7.07 15.12
N ARG A 319 17.11 8.33 15.47
CA ARG A 319 15.77 8.91 15.62
C ARG A 319 15.03 8.87 14.28
N VAL A 320 13.77 8.43 14.33
CA VAL A 320 12.99 8.18 13.12
C VAL A 320 11.59 8.80 13.29
N CYS A 321 10.94 9.13 12.16
CA CYS A 321 9.66 9.82 12.17
C CYS A 321 8.51 8.83 12.08
N TYR A 322 7.76 8.68 13.16
CA TYR A 322 6.59 7.81 13.13
C TYR A 322 5.32 8.55 12.77
N GLY A 323 4.54 7.97 11.85
CA GLY A 323 3.23 8.47 11.51
C GLY A 323 2.09 7.70 12.18
N LEU A 324 0.88 8.04 11.79
CA LEU A 324 -0.30 7.42 12.38
C LEU A 324 -0.20 5.90 12.32
N GLY A 325 -0.69 5.26 13.39
CA GLY A 325 -0.79 3.81 13.50
C GLY A 325 0.41 3.06 14.12
N MET A 326 1.36 3.82 14.66
CA MET A 326 2.73 3.40 14.90
C MET A 326 3.22 4.10 16.17
N GLU A 327 3.67 3.34 17.16
CA GLU A 327 4.33 3.88 18.37
C GLU A 327 3.40 4.82 19.13
N HIS A 328 3.77 6.07 19.31
CA HIS A 328 2.91 7.00 20.07
C HIS A 328 1.75 7.59 19.23
N LEU A 329 1.67 7.24 17.95
CA LEU A 329 0.49 7.62 17.17
C LEU A 329 -0.35 6.41 16.80
N ARG A 330 -0.09 5.30 17.50
CA ARG A 330 -0.83 4.05 17.38
C ARG A 330 -2.35 4.23 17.36
N GLY A 331 -2.87 5.05 18.27
CA GLY A 331 -4.30 5.29 18.40
C GLY A 331 -4.82 6.57 17.77
N ALA A 332 -3.94 7.38 17.18
CA ALA A 332 -4.32 8.66 16.58
C ALA A 332 -5.09 8.54 15.25
N ARG A 333 -6.19 9.28 15.14
CA ARG A 333 -7.10 9.21 14.00
C ARG A 333 -6.58 10.03 12.82
N ALA A 334 -6.04 11.20 13.10
CA ALA A 334 -5.85 12.21 12.06
C ALA A 334 -4.64 13.06 12.34
N ILE A 335 -4.09 13.70 11.32
CA ILE A 335 -3.08 14.74 11.53
C ILE A 335 -3.80 15.99 11.99
N THR A 336 -3.17 16.73 12.87
CA THR A 336 -3.83 17.75 13.66
C THR A 336 -2.81 18.83 14.00
N SER A 337 -3.27 19.95 14.58
CA SER A 337 -2.36 21.05 14.91
C SER A 337 -1.46 20.67 16.07
N ASP A 338 -1.95 19.74 16.89
CA ASP A 338 -1.24 19.22 18.04
C ASP A 338 -0.17 18.25 17.60
N ASN A 339 -0.30 17.69 16.41
CA ASN A 339 0.77 16.83 15.94
C ASN A 339 1.53 17.19 14.66
N VAL A 340 1.11 18.17 13.88
CA VAL A 340 1.79 18.37 12.59
C VAL A 340 3.27 18.47 12.77
N GLN A 341 3.69 19.24 13.77
CA GLN A 341 5.09 19.62 13.94
C GLN A 341 6.07 18.47 14.18
N GLU A 342 5.57 17.30 14.58
CA GLU A 342 6.42 16.13 14.74
C GLU A 342 7.02 15.72 13.38
N PHE A 343 6.43 16.18 12.29
CA PHE A 343 6.91 15.86 10.96
C PHE A 343 7.91 16.86 10.33
N ASP A 344 8.32 17.88 11.07
CA ASP A 344 9.32 18.79 10.52
C ASP A 344 10.61 18.09 10.12
N GLY A 345 11.04 18.33 8.88
CA GLY A 345 12.30 17.82 8.38
C GLY A 345 12.29 16.35 8.03
N CYS A 346 11.12 15.72 8.09
CA CYS A 346 10.97 14.28 7.86
C CYS A 346 11.00 13.90 6.40
N LYS A 347 12.01 13.13 6.00
CA LYS A 347 12.07 12.51 4.67
C LYS A 347 11.25 11.18 4.56
N LYS A 348 11.22 10.42 5.65
CA LYS A 348 10.56 9.11 5.67
C LYS A 348 9.64 8.96 6.87
N ILE A 349 8.40 8.59 6.64
CA ILE A 349 7.46 8.39 7.73
C ILE A 349 7.14 6.91 7.83
N PHE A 350 7.51 6.30 8.95
CA PHE A 350 7.09 4.95 9.26
C PHE A 350 5.70 5.01 9.86
N GLY A 351 4.69 4.62 9.08
CA GLY A 351 3.29 4.78 9.44
C GLY A 351 2.50 5.55 8.35
N SER A 352 1.34 6.09 8.71
CA SER A 352 0.42 6.67 7.74
C SER A 352 0.05 8.13 8.00
N LEU A 353 -0.47 8.80 6.98
CA LEU A 353 -1.06 10.14 7.09
C LEU A 353 -2.53 10.11 6.69
N ALA A 354 -3.40 10.73 7.51
CA ALA A 354 -4.83 10.78 7.25
C ALA A 354 -5.24 12.17 7.61
N PHE A 355 -6.00 12.84 6.72
CA PHE A 355 -6.49 14.21 6.97
C PHE A 355 -7.98 14.12 6.84
N LEU A 356 -8.68 14.36 7.95
CA LEU A 356 -10.11 14.16 8.04
C LEU A 356 -10.75 15.52 8.27
N PRO A 357 -12.07 15.62 8.18
CA PRO A 357 -12.73 16.89 8.55
C PRO A 357 -12.27 17.44 9.88
N GLU A 358 -12.05 16.56 10.85
CA GLU A 358 -11.66 17.04 12.20
C GLU A 358 -10.31 17.76 12.16
N SER A 359 -9.43 17.32 11.28
CA SER A 359 -8.13 17.96 11.07
C SER A 359 -8.26 19.46 10.82
N PHE A 360 -9.25 19.83 9.99
CA PHE A 360 -9.41 21.22 9.54
C PHE A 360 -10.51 22.04 10.18
N ASP A 361 -11.39 21.39 10.95
CA ASP A 361 -12.40 22.08 11.78
C ASP A 361 -11.89 22.37 13.19
N GLY A 362 -11.06 21.49 13.71
CA GLY A 362 -10.71 21.53 15.13
C GLY A 362 -11.86 21.05 15.99
N ASP A 363 -11.75 21.31 17.28
CA ASP A 363 -12.64 20.77 18.31
C ASP A 363 -12.52 21.77 19.43
N PRO A 364 -13.53 22.60 19.63
CA PRO A 364 -13.44 23.66 20.65
C PRO A 364 -13.57 23.12 22.09
N SER A 365 -13.74 21.80 22.24
CA SER A 365 -13.94 21.19 23.57
C SER A 365 -12.60 20.73 24.18
N SER A 366 -11.73 20.17 23.33
CA SER A 366 -10.33 19.93 23.71
C SER A 366 -9.51 21.24 23.63
N GLY A 367 -10.00 22.20 22.84
CA GLY A 367 -9.29 23.43 22.54
C GLY A 367 -8.38 23.34 21.31
N ILE A 368 -8.49 22.25 20.54
CA ILE A 368 -7.64 22.00 19.38
C ILE A 368 -7.91 22.98 18.25
N ALA A 369 -6.94 23.87 18.02
CA ALA A 369 -6.96 24.75 16.84
C ALA A 369 -7.06 23.93 15.55
N PRO A 370 -7.91 24.37 14.61
CA PRO A 370 -7.90 23.84 13.25
C PRO A 370 -6.50 23.92 12.65
N LEU A 371 -6.14 22.89 11.91
CA LEU A 371 -4.91 22.85 11.13
C LEU A 371 -4.89 23.90 10.01
N ARG A 372 -3.96 24.85 10.09
CA ARG A 372 -3.81 25.86 9.04
C ARG A 372 -2.99 25.33 7.83
N PRO A 373 -3.42 25.68 6.62
CA PRO A 373 -2.70 25.28 5.39
C PRO A 373 -1.20 25.54 5.45
N GLU A 374 -0.78 26.61 6.12
CA GLU A 374 0.65 26.95 6.28
C GLU A 374 1.41 25.84 7.02
N GLN A 375 0.78 25.24 8.02
CA GLN A 375 1.40 24.17 8.80
C GLN A 375 1.74 22.93 7.95
N LEU A 376 0.95 22.72 6.91
CA LEU A 376 1.14 21.63 5.97
C LEU A 376 2.48 21.63 5.25
N GLN A 377 3.21 22.75 5.22
CA GLN A 377 4.49 22.81 4.49
C GLN A 377 5.56 22.02 5.25
N VAL A 378 5.26 21.67 6.48
CA VAL A 378 6.11 20.82 7.23
C VAL A 378 6.33 19.51 6.45
N PHE A 379 5.46 19.24 5.47
CA PHE A 379 5.60 18.06 4.58
C PHE A 379 6.40 18.21 3.29
N GLU A 380 6.89 19.42 2.99
CA GLU A 380 7.66 19.62 1.75
C GLU A 380 8.89 18.70 1.69
N THR A 381 9.32 18.21 2.85
CA THR A 381 10.48 17.34 2.95
C THR A 381 10.15 15.91 2.56
N LEU A 382 8.90 15.52 2.70
CA LEU A 382 8.46 14.13 2.66
C LEU A 382 8.70 13.47 1.32
N GLU A 383 9.41 12.35 1.35
CA GLU A 383 9.70 11.59 0.15
C GLU A 383 9.03 10.24 0.14
N GLU A 384 8.79 9.68 1.33
CA GLU A 384 8.29 8.31 1.45
C GLU A 384 7.32 8.07 2.60
N ILE A 385 6.25 7.35 2.33
CA ILE A 385 5.29 6.90 3.37
C ILE A 385 5.27 5.37 3.33
N THR A 386 5.53 4.70 4.45
CA THR A 386 5.50 3.23 4.46
C THR A 386 4.08 2.72 4.54
N GLY A 387 3.17 3.53 5.09
CA GLY A 387 1.76 3.13 5.20
C GLY A 387 0.90 3.65 4.07
N TYR A 388 -0.20 4.33 4.41
CA TYR A 388 -1.04 4.95 3.41
C TYR A 388 -1.25 6.46 3.54
N LEU A 389 -1.69 7.10 2.45
CA LEU A 389 -2.20 8.47 2.48
C LEU A 389 -3.73 8.51 2.35
N TYR A 390 -4.39 9.18 3.30
CA TYR A 390 -5.83 9.20 3.28
C TYR A 390 -6.27 10.64 3.45
N ILE A 391 -6.96 11.19 2.46
CA ILE A 391 -7.35 12.59 2.51
C ILE A 391 -8.81 12.70 2.27
N SER A 392 -9.49 13.16 3.30
CA SER A 392 -10.94 13.15 3.34
C SER A 392 -11.42 14.57 3.55
N ALA A 393 -10.47 15.45 3.84
CA ALA A 393 -10.78 16.87 3.86
C ALA A 393 -9.47 17.55 3.50
N TRP A 394 -9.57 18.74 2.93
CA TRP A 394 -8.40 19.51 2.52
C TRP A 394 -8.83 21.00 2.44
N PRO A 395 -7.95 21.94 2.76
CA PRO A 395 -8.38 23.36 2.72
C PRO A 395 -8.90 23.77 1.33
N ASP A 396 -10.00 24.53 1.27
CA ASP A 396 -10.50 25.02 -0.03
C ASP A 396 -9.52 25.99 -0.70
N SER A 397 -8.64 26.62 0.08
CA SER A 397 -7.66 27.56 -0.48
C SER A 397 -6.51 26.83 -1.17
N LEU A 398 -6.35 25.54 -0.89
CA LEU A 398 -5.37 24.73 -1.59
C LEU A 398 -6.06 23.98 -2.75
N ARG A 399 -5.74 24.42 -3.96
CA ARG A 399 -6.36 23.89 -5.17
C ARG A 399 -5.79 22.53 -5.57
N ASP A 400 -4.65 22.14 -4.98
CA ASP A 400 -4.00 20.84 -5.25
C ASP A 400 -3.25 20.21 -4.04
N LEU A 401 -2.67 19.01 -4.24
CA LEU A 401 -1.95 18.26 -3.17
C LEU A 401 -0.46 18.59 -3.14
N SER A 402 -0.15 19.77 -3.69
CA SER A 402 1.21 20.31 -3.81
C SER A 402 2.08 20.27 -2.58
N VAL A 403 1.49 20.35 -1.37
CA VAL A 403 2.32 20.11 -0.17
C VAL A 403 3.00 18.74 -0.14
N PHE A 404 2.51 17.77 -0.92
CA PHE A 404 3.20 16.49 -1.10
C PHE A 404 3.93 16.37 -2.45
N GLN A 405 4.33 17.49 -3.01
CA GLN A 405 5.07 17.58 -4.26
C GLN A 405 6.29 16.66 -4.41
N ASN A 406 6.97 16.40 -3.30
CA ASN A 406 8.20 15.60 -3.33
C ASN A 406 8.03 14.15 -2.89
N LEU A 407 6.79 13.79 -2.56
CA LEU A 407 6.45 12.41 -2.16
C LEU A 407 6.66 11.45 -3.33
N ARG A 408 7.56 10.47 -3.16
CA ARG A 408 7.97 9.58 -4.24
C ARG A 408 7.28 8.20 -4.22
N ILE A 409 6.97 7.67 -3.03
CA ILE A 409 6.47 6.29 -2.82
C ILE A 409 5.47 6.32 -1.70
N ILE A 410 4.34 5.67 -1.90
CA ILE A 410 3.52 5.27 -0.77
C ILE A 410 3.66 3.76 -0.80
N ARG A 411 4.36 3.18 0.18
CA ARG A 411 4.51 1.72 0.24
C ARG A 411 3.23 0.93 0.39
N GLY A 412 2.32 1.42 1.22
CA GLY A 412 1.06 0.72 1.45
C GLY A 412 1.24 -0.56 2.26
N ARG A 413 2.25 -0.56 3.12
CA ARG A 413 2.44 -1.71 4.01
C ARG A 413 1.35 -1.81 5.11
N ILE A 414 0.65 -0.70 5.35
CA ILE A 414 -0.56 -0.63 6.14
C ILE A 414 -1.52 0.05 5.17
N LEU A 415 -2.77 -0.40 5.14
CA LEU A 415 -3.71 0.14 4.17
C LEU A 415 -5.02 0.54 4.81
N HIS A 416 -5.56 1.67 4.38
CA HIS A 416 -6.85 2.09 4.94
C HIS A 416 -7.93 1.02 4.65
N ASP A 417 -8.72 0.68 5.66
CA ASP A 417 -9.65 -0.44 5.61
C ASP A 417 -8.94 -1.67 5.09
N GLY A 418 -7.62 -1.74 5.24
CA GLY A 418 -6.91 -2.91 4.71
C GLY A 418 -6.96 -3.03 3.19
N ALA A 419 -7.46 -2.00 2.49
CA ALA A 419 -7.54 -2.07 1.01
C ALA A 419 -6.84 -0.98 0.22
N TYR A 420 -6.82 0.25 0.73
CA TYR A 420 -6.43 1.46 -0.01
C TYR A 420 -5.15 2.16 0.43
N SER A 421 -4.20 2.30 -0.47
CA SER A 421 -3.00 2.98 -0.09
C SER A 421 -3.04 4.49 -0.38
N LEU A 422 -4.05 4.91 -1.13
CA LEU A 422 -4.23 6.30 -1.47
C LEU A 422 -5.71 6.51 -1.60
N THR A 423 -6.27 7.33 -0.72
CA THR A 423 -7.64 7.77 -0.82
C THR A 423 -7.77 9.31 -0.89
N LEU A 424 -8.55 9.80 -1.86
CA LEU A 424 -8.90 11.22 -1.91
C LEU A 424 -10.39 11.27 -2.15
N GLN A 425 -11.10 11.81 -1.18
CA GLN A 425 -12.53 11.70 -1.16
C GLN A 425 -13.22 13.03 -0.75
N GLY A 426 -14.25 13.43 -1.48
CA GLY A 426 -15.06 14.60 -1.18
C GLY A 426 -14.31 15.90 -1.01
N LEU A 427 -13.25 16.06 -1.79
CA LEU A 427 -12.40 17.23 -1.72
C LEU A 427 -12.79 18.28 -2.76
N GLY A 428 -12.28 19.50 -2.55
CA GLY A 428 -12.49 20.58 -3.50
C GLY A 428 -11.32 20.83 -4.43
N ILE A 429 -10.36 19.91 -4.50
CA ILE A 429 -9.16 20.12 -5.33
C ILE A 429 -9.49 20.09 -6.84
N HIS A 430 -8.77 20.90 -7.62
CA HIS A 430 -8.94 20.96 -9.08
C HIS A 430 -7.94 20.06 -9.82
N SER A 431 -6.75 19.88 -9.25
CA SER A 431 -5.71 19.01 -9.81
C SER A 431 -5.07 18.23 -8.67
N LEU A 432 -4.15 17.31 -8.99
CA LEU A 432 -3.51 16.47 -7.96
C LEU A 432 -2.20 17.08 -7.46
N GLY A 433 -1.30 17.43 -8.38
CA GLY A 433 -0.03 18.03 -8.03
C GLY A 433 1.00 17.08 -7.45
N LEU A 434 0.63 15.83 -7.18
CA LEU A 434 1.57 14.80 -6.71
C LEU A 434 2.68 14.48 -7.71
N ARG A 435 3.45 15.50 -8.07
CA ARG A 435 4.38 15.48 -9.21
C ARG A 435 5.58 14.50 -9.11
N SER A 436 5.85 14.01 -7.89
CA SER A 436 6.93 13.06 -7.68
C SER A 436 6.46 11.62 -7.44
N LEU A 437 5.16 11.41 -7.33
CA LEU A 437 4.63 10.10 -7.03
C LEU A 437 5.02 9.11 -8.11
N ARG A 438 5.89 8.15 -7.78
CA ARG A 438 6.27 7.21 -8.80
C ARG A 438 5.84 5.80 -8.46
N GLU A 439 5.44 5.58 -7.22
CA GLU A 439 5.20 4.21 -6.76
C GLU A 439 4.13 4.12 -5.71
N LEU A 440 3.12 3.28 -5.97
CA LEU A 440 2.20 2.80 -4.93
C LEU A 440 2.61 1.36 -4.71
N GLY A 441 3.24 1.09 -3.57
CA GLY A 441 3.90 -0.17 -3.33
C GLY A 441 2.92 -1.32 -3.31
N SER A 442 1.73 -1.05 -2.80
CA SER A 442 0.60 -2.00 -2.84
C SER A 442 -0.69 -1.33 -2.44
N GLY A 443 -1.78 -2.09 -2.48
CA GLY A 443 -3.09 -1.52 -2.22
C GLY A 443 -3.64 -0.79 -3.44
N LEU A 444 -4.89 -0.35 -3.33
CA LEU A 444 -5.62 0.35 -4.37
C LEU A 444 -5.58 1.84 -4.14
N ALA A 445 -5.84 2.61 -5.19
CA ALA A 445 -6.03 4.05 -5.05
C ALA A 445 -7.51 4.26 -5.27
N LEU A 446 -8.11 5.15 -4.49
CA LEU A 446 -9.53 5.41 -4.63
C LEU A 446 -9.65 6.94 -4.65
N ILE A 447 -10.23 7.48 -5.72
CA ILE A 447 -10.33 8.92 -5.87
C ILE A 447 -11.75 9.19 -6.34
N HIS A 448 -12.57 9.77 -5.47
CA HIS A 448 -13.99 9.86 -5.73
C HIS A 448 -14.64 11.06 -5.01
N ARG A 449 -15.78 11.51 -5.54
CA ARG A 449 -16.53 12.65 -5.02
C ARG A 449 -15.73 13.97 -4.94
N ASN A 450 -14.75 14.12 -5.83
CA ASN A 450 -14.04 15.38 -5.98
C ASN A 450 -14.60 16.09 -7.19
N ALA A 451 -15.61 16.92 -6.96
CA ALA A 451 -16.45 17.46 -8.03
C ALA A 451 -15.72 18.37 -9.05
N HIS A 452 -14.62 19.01 -8.63
CA HIS A 452 -13.87 19.92 -9.49
C HIS A 452 -12.52 19.33 -9.93
N LEU A 453 -12.30 18.06 -9.64
CA LEU A 453 -11.03 17.43 -9.88
C LEU A 453 -10.80 16.90 -11.33
N CYS A 454 -9.87 17.57 -12.00
CA CYS A 454 -9.37 17.18 -13.30
C CYS A 454 -7.97 16.57 -13.11
N PHE A 455 -7.29 16.30 -14.22
CA PHE A 455 -6.00 15.65 -14.22
C PHE A 455 -5.93 14.38 -13.41
N VAL A 456 -6.97 13.56 -13.46
CA VAL A 456 -6.88 12.23 -12.85
C VAL A 456 -6.40 11.26 -13.92
N HIS A 457 -6.91 11.39 -15.13
CA HIS A 457 -6.62 10.41 -16.16
C HIS A 457 -5.38 10.72 -16.95
N THR A 458 -4.74 11.85 -16.65
CA THR A 458 -3.50 12.25 -17.30
C THR A 458 -2.33 11.58 -16.64
N VAL A 459 -2.56 11.00 -15.46
CA VAL A 459 -1.55 10.30 -14.66
C VAL A 459 -1.45 8.89 -15.19
N PRO A 460 -0.26 8.38 -15.42
CA PRO A 460 -0.13 6.99 -15.88
C PRO A 460 -0.08 6.04 -14.65
N TRP A 461 -1.24 5.67 -14.13
CA TRP A 461 -1.37 4.88 -12.92
C TRP A 461 -0.75 3.51 -13.02
N ASP A 462 -0.82 2.90 -14.20
CA ASP A 462 -0.20 1.58 -14.42
C ASP A 462 1.28 1.56 -14.04
N GLN A 463 1.95 2.72 -14.14
CA GLN A 463 3.39 2.86 -13.92
C GLN A 463 3.71 3.00 -12.42
N LEU A 464 2.77 3.49 -11.62
CA LEU A 464 2.99 3.49 -10.18
C LEU A 464 2.65 2.17 -9.43
N PHE A 465 1.71 1.38 -9.97
CA PHE A 465 1.39 0.06 -9.43
C PHE A 465 2.54 -0.92 -9.53
N ARG A 466 2.46 -1.99 -8.73
CA ARG A 466 3.52 -3.00 -8.64
C ARG A 466 3.01 -4.44 -8.59
N ASN A 467 1.71 -4.64 -8.41
CA ASN A 467 1.09 -5.97 -8.59
C ASN A 467 -0.22 -5.84 -9.35
N PRO A 468 -0.71 -6.94 -9.91
CA PRO A 468 -1.88 -6.87 -10.80
C PRO A 468 -3.18 -6.85 -10.04
N HIS A 469 -3.09 -6.80 -8.72
CA HIS A 469 -4.30 -6.69 -7.90
C HIS A 469 -4.61 -5.20 -7.67
N GLN A 470 -3.64 -4.34 -7.96
CA GLN A 470 -3.87 -2.92 -7.75
C GLN A 470 -4.60 -2.27 -8.93
N ALA A 471 -5.39 -1.25 -8.64
CA ALA A 471 -6.14 -0.49 -9.64
C ALA A 471 -6.48 0.86 -9.03
N LEU A 472 -6.93 1.79 -9.88
CA LEU A 472 -7.44 3.06 -9.40
C LEU A 472 -8.92 2.92 -9.56
N LEU A 473 -9.67 3.17 -8.50
CA LEU A 473 -11.11 3.22 -8.55
C LEU A 473 -11.56 4.66 -8.44
N HIS A 474 -12.51 5.08 -9.26
CA HIS A 474 -12.80 6.51 -9.37
C HIS A 474 -14.23 6.71 -9.77
N SER A 475 -14.82 7.78 -9.29
CA SER A 475 -16.21 8.03 -9.56
C SER A 475 -16.49 9.39 -8.98
N GLY A 476 -17.41 10.14 -9.57
CA GLY A 476 -17.80 11.43 -9.05
C GLY A 476 -16.75 12.52 -9.12
N ASN A 477 -15.71 12.34 -9.93
CA ASN A 477 -14.86 13.47 -10.24
C ASN A 477 -15.38 14.18 -11.49
N ARG A 478 -14.65 15.17 -11.98
CA ARG A 478 -15.06 15.89 -13.18
C ARG A 478 -14.82 15.04 -14.43
N PRO A 479 -15.84 14.82 -15.25
CA PRO A 479 -15.67 13.95 -16.44
C PRO A 479 -14.46 14.38 -17.30
N GLU A 480 -13.64 13.44 -17.77
CA GLU A 480 -12.42 13.82 -18.47
C GLU A 480 -12.68 14.62 -19.74
N GLU A 481 -13.79 14.34 -20.40
CA GLU A 481 -14.08 15.07 -21.64
C GLU A 481 -14.62 16.50 -21.38
N ASP A 482 -14.91 16.80 -20.12
CA ASP A 482 -15.39 18.12 -19.71
C ASP A 482 -14.21 19.01 -19.28
N CYS A 483 -13.15 18.34 -18.79
CA CYS A 483 -11.86 18.96 -18.51
C CYS A 483 -11.22 19.30 -19.83
N GLY A 484 -11.24 18.32 -20.74
CA GLY A 484 -10.61 18.40 -22.04
C GLY A 484 -11.28 19.36 -23.00
N LEU A 485 -12.32 20.05 -22.57
CA LEU A 485 -12.91 21.07 -23.44
C LEU A 485 -12.83 22.45 -22.80
N GLU A 486 -12.06 22.54 -21.72
CA GLU A 486 -11.89 23.78 -20.96
C GLU A 486 -10.40 24.16 -20.84
N GLY A 487 -9.55 23.46 -21.60
CA GLY A 487 -8.12 23.73 -21.60
C GLY A 487 -7.42 23.16 -20.38
N LEU A 488 -8.13 22.38 -19.57
CA LEU A 488 -7.43 21.63 -18.55
C LEU A 488 -6.91 20.32 -19.16
N VAL A 489 -5.78 20.47 -19.82
CA VAL A 489 -5.03 19.40 -20.47
C VAL A 489 -3.55 19.51 -20.07
N CYS A 490 -2.82 18.41 -20.21
CA CYS A 490 -1.37 18.43 -20.01
C CYS A 490 -0.75 19.48 -20.90
N ASN A 491 0.17 20.26 -20.31
CA ASN A 491 1.07 21.11 -21.05
C ASN A 491 1.77 20.33 -22.15
N SER A 492 2.07 21.00 -23.26
CA SER A 492 2.47 20.29 -24.48
C SER A 492 3.90 19.82 -24.43
N LEU A 493 4.64 20.26 -23.42
CA LEU A 493 6.03 19.89 -23.22
C LEU A 493 6.18 18.61 -22.41
N CYS A 494 5.10 18.18 -21.75
CA CYS A 494 5.10 16.93 -21.00
C CYS A 494 5.13 15.80 -22.00
N ALA A 495 6.07 14.89 -21.78
CA ALA A 495 6.18 13.66 -22.56
C ALA A 495 4.92 12.80 -22.44
N HIS A 496 4.41 12.35 -23.58
CA HIS A 496 3.33 11.36 -23.68
C HIS A 496 1.98 11.78 -23.14
N GLY A 497 1.80 13.07 -22.95
CA GLY A 497 0.59 13.60 -22.34
C GLY A 497 0.36 13.22 -20.89
N HIS A 498 1.41 12.83 -20.14
CA HIS A 498 1.25 12.49 -18.71
C HIS A 498 1.62 13.65 -17.76
N CYS A 499 0.66 14.07 -16.96
CA CYS A 499 0.91 15.13 -16.01
C CYS A 499 0.00 15.01 -14.79
N TRP A 500 0.26 15.83 -13.76
CA TRP A 500 -0.44 15.74 -12.49
C TRP A 500 -1.31 16.96 -12.19
N GLY A 501 -1.35 17.91 -13.13
CA GLY A 501 -2.04 19.19 -12.97
C GLY A 501 -1.77 20.08 -14.18
N PRO A 502 -2.31 21.29 -14.24
CA PRO A 502 -2.11 22.16 -15.42
C PRO A 502 -0.72 22.76 -15.47
N GLY A 503 -0.23 23.18 -16.65
CA GLY A 503 0.99 23.97 -16.72
C GLY A 503 2.30 23.19 -16.75
N PRO A 504 3.40 23.90 -16.91
CA PRO A 504 4.71 23.26 -17.12
C PRO A 504 5.46 22.72 -15.87
N THR A 505 4.92 22.86 -14.67
CA THR A 505 5.60 22.20 -13.56
C THR A 505 5.11 20.78 -13.33
N GLN A 506 4.04 20.37 -14.02
CA GLN A 506 3.32 19.19 -13.56
C GLN A 506 3.53 17.95 -14.39
N CYS A 507 4.53 17.96 -15.26
CA CYS A 507 4.86 16.83 -16.11
C CYS A 507 5.38 15.64 -15.27
N VAL A 508 5.04 14.42 -15.68
CA VAL A 508 5.71 13.24 -15.14
C VAL A 508 7.15 13.27 -15.65
N ASN A 509 7.32 13.45 -16.96
CA ASN A 509 8.66 13.68 -17.50
C ASN A 509 8.67 14.84 -18.50
N CYS A 510 9.75 15.61 -18.49
CA CYS A 510 10.01 16.68 -19.47
C CYS A 510 10.56 16.08 -20.76
N SER A 511 10.02 16.54 -21.89
CA SER A 511 10.53 16.16 -23.20
C SER A 511 11.69 17.05 -23.64
N HIS A 512 11.96 18.10 -22.87
CA HIS A 512 12.89 19.18 -23.23
C HIS A 512 13.77 19.51 -22.03
N PHE A 513 13.95 20.79 -21.73
CA PHE A 513 14.80 21.19 -20.61
C PHE A 513 14.01 21.59 -19.37
N LEU A 514 14.63 21.42 -18.20
CA LEU A 514 14.05 21.89 -16.96
C LEU A 514 14.82 23.08 -16.42
N ARG A 515 14.07 24.12 -16.03
CA ARG A 515 14.59 25.24 -15.28
C ARG A 515 13.99 25.16 -13.87
N GLY A 516 14.79 24.70 -12.91
CA GLY A 516 14.27 24.36 -11.58
C GLY A 516 13.37 23.15 -11.75
N GLN A 517 12.09 23.30 -11.44
CA GLN A 517 11.11 22.25 -11.69
C GLN A 517 10.16 22.67 -12.81
N GLU A 518 10.58 23.64 -13.62
CA GLU A 518 9.74 24.06 -14.75
C GLU A 518 10.25 23.50 -16.06
N CYS A 519 9.34 22.91 -16.82
CA CYS A 519 9.64 22.39 -18.15
C CYS A 519 9.61 23.52 -19.20
N VAL A 520 10.71 23.69 -19.94
CA VAL A 520 10.82 24.76 -20.93
C VAL A 520 11.36 24.25 -22.25
N GLU A 521 10.96 24.94 -23.30
CA GLU A 521 11.35 24.57 -24.64
C GLU A 521 12.86 24.79 -24.87
N GLU A 522 13.39 25.85 -24.27
CA GLU A 522 14.80 26.25 -24.43
C GLU A 522 15.44 26.86 -23.19
N CYS A 523 16.73 26.59 -22.98
CA CYS A 523 17.50 27.30 -21.97
C CYS A 523 17.93 28.66 -22.53
N ARG A 524 18.23 29.62 -21.64
CA ARG A 524 18.69 30.97 -22.03
C ARG A 524 20.18 31.02 -22.35
N VAL A 525 20.55 30.28 -23.38
CA VAL A 525 21.93 30.16 -23.77
C VAL A 525 22.30 31.38 -24.61
N TRP A 526 21.38 31.84 -25.46
CA TRP A 526 21.66 32.96 -26.34
C TRP A 526 20.82 34.14 -25.98
N LYS A 527 19.63 33.84 -25.51
CA LYS A 527 18.63 34.86 -25.33
C LYS A 527 18.10 34.64 -23.95
N GLY A 528 17.95 35.72 -23.20
CA GLY A 528 17.34 35.59 -21.91
C GLY A 528 18.04 36.26 -20.77
N LEU A 529 17.28 37.19 -20.21
CA LEU A 529 17.24 37.55 -18.80
C LEU A 529 18.58 37.46 -18.10
N PRO A 530 18.75 36.55 -17.13
CA PRO A 530 20.06 35.98 -16.78
C PRO A 530 20.40 34.80 -17.69
N ARG A 531 21.64 34.77 -18.19
CA ARG A 531 22.05 33.72 -19.13
C ARG A 531 22.32 32.36 -18.48
N GLU A 532 22.30 31.31 -19.30
CA GLU A 532 22.28 29.97 -18.79
C GLU A 532 23.21 29.06 -19.56
N TYR A 533 23.63 27.99 -18.91
CA TYR A 533 24.29 26.88 -19.61
C TYR A 533 23.53 25.56 -19.40
N VAL A 534 23.78 24.61 -20.29
CA VAL A 534 23.10 23.31 -20.27
C VAL A 534 23.95 22.20 -19.61
N SER A 535 23.27 21.28 -18.95
CA SER A 535 23.89 20.15 -18.26
C SER A 535 22.83 19.14 -17.84
N ASP A 536 22.72 18.06 -18.63
CA ASP A 536 21.80 16.97 -18.31
C ASP A 536 20.35 17.45 -18.46
N LYS A 537 20.08 18.15 -19.56
CA LYS A 537 18.76 18.76 -19.85
C LYS A 537 18.32 19.78 -18.77
N ARG A 538 19.29 20.41 -18.10
CA ARG A 538 19.01 21.31 -16.98
C ARG A 538 19.53 22.73 -17.22
N CYS A 539 18.61 23.68 -17.25
CA CYS A 539 18.97 25.09 -17.35
C CYS A 539 19.67 25.61 -16.10
N LEU A 540 20.95 25.91 -16.21
CA LEU A 540 21.69 26.39 -15.07
C LEU A 540 22.24 27.80 -15.31
N PRO A 541 22.05 28.67 -14.32
CA PRO A 541 22.48 30.08 -14.39
C PRO A 541 24.02 30.32 -14.40
N CYS A 542 24.48 31.17 -15.31
CA CYS A 542 25.84 31.70 -15.29
C CYS A 542 26.06 32.49 -14.02
N HIS A 543 27.31 32.60 -13.60
CA HIS A 543 27.60 33.47 -12.47
C HIS A 543 27.10 34.91 -12.75
N PRO A 544 26.56 35.58 -11.74
CA PRO A 544 26.13 36.99 -11.89
C PRO A 544 27.23 37.99 -12.28
N GLU A 545 28.50 37.64 -12.10
CA GLU A 545 29.57 38.48 -12.61
C GLU A 545 29.95 38.21 -14.10
N CYS A 546 29.36 37.20 -14.75
CA CYS A 546 29.53 37.01 -16.19
C CYS A 546 28.82 38.11 -17.02
N GLN A 547 29.49 38.62 -18.03
CA GLN A 547 28.89 39.56 -18.95
C GLN A 547 28.13 38.80 -20.06
N PRO A 548 26.82 39.04 -20.20
CA PRO A 548 26.03 38.44 -21.29
C PRO A 548 26.60 38.75 -22.66
N GLN A 549 26.75 37.71 -23.44
CA GLN A 549 27.31 37.87 -24.76
C GLN A 549 26.18 38.06 -25.75
N ASN A 550 26.39 38.96 -26.70
CA ASN A 550 25.39 39.21 -27.73
C ASN A 550 25.41 38.17 -28.83
N SER A 551 26.58 37.52 -28.98
CA SER A 551 26.87 36.65 -30.12
C SER A 551 27.11 35.19 -29.72
N SER A 552 27.76 34.97 -28.58
CA SER A 552 28.17 33.63 -28.19
C SER A 552 27.62 33.29 -26.82
N GLU A 553 27.92 32.08 -26.36
CA GLU A 553 27.62 31.66 -25.01
C GLU A 553 28.13 32.64 -23.98
N THR A 554 27.40 32.80 -22.89
CA THR A 554 27.82 33.69 -21.81
C THR A 554 28.72 33.01 -20.78
N CYS A 555 28.54 31.70 -20.62
CA CYS A 555 29.38 30.90 -19.70
C CYS A 555 29.36 29.45 -20.14
N PHE A 556 30.25 28.64 -19.58
CA PHE A 556 30.19 27.21 -19.86
C PHE A 556 30.09 26.36 -18.58
N GLY A 557 29.96 27.03 -17.42
CA GLY A 557 29.69 26.45 -16.11
C GLY A 557 29.17 27.51 -15.13
N SER A 558 29.12 27.19 -13.84
CA SER A 558 28.50 28.03 -12.82
C SER A 558 29.39 29.05 -12.11
N GLU A 559 30.69 28.80 -12.13
CA GLU A 559 31.60 29.59 -11.34
C GLU A 559 32.11 30.87 -12.05
N ALA A 560 32.45 31.87 -11.24
CA ALA A 560 33.08 33.10 -11.68
C ALA A 560 34.27 32.93 -12.65
N ASP A 561 34.89 31.74 -12.62
CA ASP A 561 36.02 31.35 -13.50
C ASP A 561 35.51 30.93 -14.88
N GLN A 562 34.20 30.78 -15.03
CA GLN A 562 33.66 30.12 -16.24
C GLN A 562 32.82 30.99 -17.22
N CYS A 563 33.03 32.31 -17.16
CA CYS A 563 32.37 33.27 -18.03
C CYS A 563 33.16 33.44 -19.31
N ALA A 564 32.47 33.74 -20.41
CA ALA A 564 33.11 34.31 -21.59
C ALA A 564 33.86 35.59 -21.19
N ALA A 565 33.24 36.44 -20.36
CA ALA A 565 33.85 37.71 -19.96
C ALA A 565 33.20 38.30 -18.69
N CYS A 566 33.91 39.22 -18.03
CA CYS A 566 33.49 39.83 -16.78
C CYS A 566 32.60 41.09 -16.92
N ALA A 567 31.50 41.15 -16.18
CA ALA A 567 30.63 42.32 -16.16
C ALA A 567 31.32 43.48 -15.43
N HIS A 568 32.16 43.17 -14.45
CA HIS A 568 32.82 44.24 -13.71
C HIS A 568 34.34 44.16 -13.72
N TYR A 569 34.91 43.58 -12.68
CA TYR A 569 36.34 43.52 -12.57
C TYR A 569 36.77 42.08 -12.71
N LYS A 570 38.06 41.88 -12.83
CA LYS A 570 38.61 40.54 -12.90
C LYS A 570 39.82 40.41 -11.98
N ASP A 571 39.82 39.32 -11.22
CA ASP A 571 40.86 39.01 -10.24
C ASP A 571 41.38 37.65 -10.55
N SER A 572 42.62 37.60 -11.05
CA SER A 572 43.23 36.37 -11.53
C SER A 572 42.34 35.83 -12.63
N SER A 573 41.70 34.70 -12.38
CA SER A 573 40.93 34.13 -13.44
C SER A 573 39.42 34.27 -13.25
N SER A 574 38.99 34.94 -12.19
CA SER A 574 37.56 35.06 -11.95
C SER A 574 36.97 36.46 -11.93
N CYS A 575 35.71 36.53 -12.35
CA CYS A 575 35.07 37.82 -12.52
C CYS A 575 34.56 38.17 -11.12
N VAL A 576 34.78 39.41 -10.67
CA VAL A 576 34.43 39.87 -9.31
C VAL A 576 33.78 41.23 -9.33
N ALA A 577 32.89 41.43 -8.36
CA ALA A 577 32.16 42.68 -8.22
C ALA A 577 33.06 43.79 -7.70
N ARG A 578 34.10 43.42 -6.97
CA ARG A 578 35.02 44.40 -6.38
C ARG A 578 36.38 43.72 -6.27
N CYS A 579 37.42 44.52 -6.38
CA CYS A 579 38.74 44.07 -6.06
C CYS A 579 38.89 43.83 -4.56
N PRO A 580 39.67 42.81 -4.20
CA PRO A 580 39.99 42.53 -2.79
C PRO A 580 40.80 43.67 -2.15
N SER A 581 40.20 44.30 -1.14
CA SER A 581 40.90 45.22 -0.24
C SER A 581 40.91 44.63 1.17
N GLY A 582 42.10 44.24 1.63
CA GLY A 582 42.33 43.62 2.91
C GLY A 582 41.73 42.24 3.13
N VAL A 583 41.83 41.33 2.14
CA VAL A 583 41.31 39.97 2.33
C VAL A 583 42.43 38.99 2.71
N LYS A 584 42.23 38.30 3.82
CA LYS A 584 43.21 37.37 4.34
C LYS A 584 42.82 35.92 4.08
N PRO A 585 43.74 35.21 3.41
CA PRO A 585 43.60 33.77 3.18
C PRO A 585 43.51 33.02 4.51
N ASP A 586 42.88 31.86 4.52
CA ASP A 586 42.58 31.21 5.78
C ASP A 586 43.66 31.50 6.81
N LEU A 587 44.75 30.74 6.76
CA LEU A 587 45.67 30.64 7.89
C LEU A 587 46.86 31.57 7.71
N SER A 588 46.58 32.79 7.25
CA SER A 588 47.60 33.78 6.94
C SER A 588 47.30 35.14 7.54
N TYR A 589 48.36 35.82 7.97
CA TYR A 589 48.28 37.17 8.48
C TYR A 589 48.33 38.20 7.35
N MET A 590 48.82 37.80 6.19
CA MET A 590 49.06 38.74 5.11
C MET A 590 47.78 39.03 4.30
N PRO A 591 47.24 40.24 4.39
CA PRO A 591 46.02 40.60 3.64
C PRO A 591 46.35 40.99 2.22
N ILE A 592 45.46 40.68 1.32
CA ILE A 592 45.64 41.09 -0.06
C ILE A 592 44.90 42.42 -0.31
N TRP A 593 45.63 43.38 -0.88
CA TRP A 593 45.09 44.71 -1.21
C TRP A 593 45.25 44.90 -2.70
N LYS A 594 44.12 45.10 -3.41
CA LYS A 594 44.17 45.29 -4.87
C LYS A 594 43.31 46.46 -5.30
N TYR A 595 43.51 46.89 -6.54
CA TYR A 595 42.78 47.99 -7.15
C TYR A 595 42.58 47.64 -8.64
N PRO A 596 41.50 48.09 -9.25
CA PRO A 596 41.26 47.76 -10.66
C PRO A 596 42.12 48.58 -11.64
N ASP A 597 42.79 47.89 -12.57
CA ASP A 597 43.35 48.48 -13.83
C ASP A 597 42.39 49.51 -14.48
N GLU A 598 42.91 50.27 -15.44
CA GLU A 598 42.06 51.04 -16.37
C GLU A 598 41.15 50.13 -17.22
N GLU A 599 41.53 48.86 -17.38
CA GLU A 599 40.68 47.92 -18.13
C GLU A 599 39.98 46.92 -17.22
N GLY A 600 39.96 47.24 -15.93
CA GLY A 600 39.23 46.47 -14.95
C GLY A 600 39.94 45.26 -14.36
N ILE A 601 41.27 45.17 -14.51
CA ILE A 601 42.03 44.04 -13.96
C ILE A 601 42.54 44.40 -12.58
N CYS A 602 42.24 43.55 -11.59
CA CYS A 602 42.70 43.77 -10.23
C CYS A 602 44.23 43.62 -10.14
N GLN A 603 44.88 44.71 -9.73
CA GLN A 603 46.34 44.76 -9.64
C GLN A 603 46.70 44.89 -8.19
N PRO A 604 47.86 44.36 -7.79
CA PRO A 604 48.35 44.55 -6.42
C PRO A 604 48.61 46.03 -6.02
N CYS A 605 48.05 46.45 -4.89
CA CYS A 605 48.42 47.71 -4.27
C CYS A 605 49.91 47.67 -3.90
N PRO A 606 50.61 48.79 -4.11
CA PRO A 606 52.07 48.81 -3.93
C PRO A 606 52.49 48.83 -2.43
N ILE A 607 51.51 48.95 -1.52
CA ILE A 607 51.74 49.04 -0.07
C ILE A 607 50.91 47.98 0.72
N ASN A 608 51.45 47.49 1.84
CA ASN A 608 50.76 46.45 2.65
C ASN A 608 49.95 46.90 3.91
C1 NAG B . 2.26 -26.29 -2.22
C2 NAG B . 0.91 -26.72 -2.77
C3 NAG B . 0.99 -27.21 -4.22
C4 NAG B . 1.89 -26.38 -5.13
C5 NAG B . 3.16 -25.94 -4.37
C6 NAG B . 3.95 -24.90 -5.14
C7 NAG B . -0.38 -27.70 -1.01
C8 NAG B . -0.61 -28.94 -0.17
N2 NAG B . 0.49 -27.85 -2.00
O3 NAG B . -0.31 -27.34 -4.76
O4 NAG B . 2.23 -27.24 -6.21
O5 NAG B . 2.85 -25.38 -3.10
O6 NAG B . 5.32 -25.19 -4.90
O7 NAG B . -0.95 -26.62 -0.79
C1 NAG B . 2.21 -26.62 -7.52
C2 NAG B . 2.87 -27.59 -8.51
C3 NAG B . 2.59 -27.28 -10.00
C4 NAG B . 1.17 -26.77 -10.26
C5 NAG B . 0.83 -25.67 -9.23
C6 NAG B . -0.56 -25.06 -9.42
C7 NAG B . 4.84 -28.37 -7.17
C8 NAG B . 6.06 -27.80 -6.50
N2 NAG B . 4.30 -27.68 -8.20
O3 NAG B . 2.79 -28.43 -10.81
O4 NAG B . 1.05 -26.35 -11.62
O5 NAG B . 0.91 -26.23 -7.93
O6 NAG B . -1.53 -25.66 -8.57
O7 NAG B . 4.39 -29.44 -6.74
C1 NAG C . -32.09 -8.02 -8.97
C2 NAG C . -32.50 -6.56 -9.14
C3 NAG C . -34.01 -6.37 -9.07
C4 NAG C . -34.71 -7.33 -10.04
C5 NAG C . -34.31 -8.79 -9.71
C6 NAG C . -34.89 -9.89 -10.65
C7 NAG C . -30.88 -4.91 -8.37
C8 NAG C . -29.87 -4.69 -7.28
N2 NAG C . -31.90 -5.73 -8.11
O3 NAG C . -34.33 -5.04 -9.38
O4 NAG C . -36.09 -7.08 -9.90
O5 NAG C . -32.89 -8.98 -9.66
O6 NAG C . -34.60 -9.69 -12.02
O7 NAG C . -30.77 -4.35 -9.47
C1 NAG C . -36.69 -6.79 -11.18
C2 NAG C . -38.07 -7.43 -11.31
C3 NAG C . -38.46 -7.35 -12.79
C4 NAG C . -38.38 -5.88 -13.26
C5 NAG C . -37.00 -5.29 -12.92
C6 NAG C . -36.80 -3.82 -13.33
C7 NAG C . -38.58 -9.22 -9.67
C8 NAG C . -37.68 -9.31 -8.46
N2 NAG C . -38.08 -8.81 -10.85
O3 NAG C . -39.75 -7.87 -13.01
O4 NAG C . -38.70 -5.80 -14.65
O5 NAG C . -36.77 -5.42 -11.53
O6 NAG C . -37.93 -3.03 -13.04
O7 NAG C . -39.76 -9.54 -9.56
C1 NAG D . -34.91 -16.13 17.52
C2 NAG D . -34.45 -14.87 18.30
C3 NAG D . -34.47 -15.05 19.83
C4 NAG D . -35.87 -15.45 20.27
C5 NAG D . -36.15 -16.81 19.57
C6 NAG D . -37.50 -17.45 19.97
C7 NAG D . -32.82 -13.15 17.72
C8 NAG D . -32.48 -12.61 16.35
N2 NAG D . -33.14 -14.45 17.81
O3 NAG D . -34.07 -13.88 20.51
O4 NAG D . -35.97 -15.45 21.69
O5 NAG D . -36.07 -16.69 18.14
O6 NAG D . -38.60 -16.89 19.26
O7 NAG D . -32.76 -12.41 18.71
#